data_2EHP
#
_entry.id   2EHP
#
_cell.length_a   73.353
_cell.length_b   53.873
_cell.length_c   60.168
_cell.angle_alpha   90.00
_cell.angle_beta   96.09
_cell.angle_gamma   90.00
#
_symmetry.space_group_name_H-M   'C 1 2 1'
#
loop_
_entity.id
_entity.type
_entity.pdbx_description
1 polymer 'aq_1627 protein'
2 water water
#
_entity_poly.entity_id   1
_entity_poly.type   'polypeptide(L)'
_entity_poly.pdbx_seq_one_letter_code
;(MSE)PAIFTHEGKVEGVPGNYPLTAENLFRIGLALCTLWILDKEIEEPTLSIPETNFVTLALSVGF(MSE)NAGGSVNV
GKGGDIKLFLQKGEIYVLEFQPLSETDIKKLESILFGRAPIPKKTGEDIGSFKC
;
_entity_poly.pdbx_strand_id   A,B
#
# COMPACT_ATOMS: atom_id res chain seq x y z
N ALA A 3 13.84 -9.15 -13.45
CA ALA A 3 12.89 -8.63 -14.49
C ALA A 3 11.50 -8.45 -13.90
N ILE A 4 10.80 -7.44 -14.41
CA ILE A 4 9.45 -7.13 -13.94
C ILE A 4 8.39 -7.47 -14.98
N PHE A 5 8.62 -7.08 -16.23
CA PHE A 5 7.69 -7.31 -17.31
C PHE A 5 8.05 -8.48 -18.21
N THR A 6 7.05 -9.26 -18.60
CA THR A 6 7.25 -10.41 -19.48
C THR A 6 7.34 -9.88 -20.90
N HIS A 7 7.64 -10.77 -21.84
CA HIS A 7 7.75 -10.39 -23.25
C HIS A 7 6.40 -9.93 -23.78
N GLU A 8 5.33 -10.41 -23.16
CA GLU A 8 3.99 -10.04 -23.59
C GLU A 8 3.52 -8.77 -22.89
N GLY A 9 4.44 -8.15 -22.13
CA GLY A 9 4.13 -6.92 -21.43
C GLY A 9 3.27 -7.07 -20.20
N LYS A 10 3.43 -8.17 -19.49
CA LYS A 10 2.64 -8.42 -18.29
C LYS A 10 3.56 -8.55 -17.07
N VAL A 11 2.97 -8.48 -15.88
CA VAL A 11 3.72 -8.64 -14.64
C VAL A 11 3.08 -9.84 -13.95
N GLU A 12 3.89 -10.87 -13.68
CA GLU A 12 3.37 -12.07 -13.05
C GLU A 12 4.19 -12.56 -11.88
N GLY A 13 3.54 -13.25 -10.97
CA GLY A 13 4.24 -13.79 -9.82
C GLY A 13 3.27 -14.25 -8.75
N VAL A 14 3.84 -14.64 -7.62
CA VAL A 14 3.07 -15.09 -6.48
C VAL A 14 2.87 -13.87 -5.59
N PRO A 15 1.60 -13.52 -5.29
CA PRO A 15 1.36 -12.35 -4.44
C PRO A 15 2.26 -12.34 -3.20
N GLY A 16 2.97 -11.23 -3.00
CA GLY A 16 3.86 -11.12 -1.86
C GLY A 16 5.31 -11.31 -2.22
N ASN A 17 5.57 -12.11 -3.26
CA ASN A 17 6.92 -12.37 -3.73
C ASN A 17 7.23 -11.55 -4.97
N TYR A 18 8.48 -11.15 -5.11
CA TYR A 18 8.90 -10.36 -6.27
C TYR A 18 8.47 -11.06 -7.55
N PRO A 19 7.99 -10.31 -8.55
CA PRO A 19 7.80 -8.85 -8.62
C PRO A 19 6.55 -8.31 -7.95
N LEU A 20 5.80 -9.20 -7.28
CA LEU A 20 4.57 -8.79 -6.60
C LEU A 20 4.75 -8.53 -5.10
N THR A 21 5.88 -7.93 -4.73
CA THR A 21 6.09 -7.56 -3.34
C THR A 21 5.37 -6.23 -3.17
N ALA A 22 5.09 -5.86 -1.93
CA ALA A 22 4.43 -4.59 -1.66
C ALA A 22 5.29 -3.47 -2.23
N GLU A 23 6.60 -3.54 -1.98
CA GLU A 23 7.52 -2.51 -2.43
C GLU A 23 7.62 -2.38 -3.95
N ASN A 24 7.70 -3.51 -4.65
CA ASN A 24 7.83 -3.40 -6.10
C ASN A 24 6.53 -2.95 -6.75
N LEU A 25 5.40 -3.40 -6.23
CA LEU A 25 4.11 -2.97 -6.77
C LEU A 25 3.96 -1.47 -6.53
N PHE A 26 4.40 -1.02 -5.36
CA PHE A 26 4.36 0.39 -5.02
C PHE A 26 5.17 1.16 -6.06
N ARG A 27 6.36 0.67 -6.38
CA ARG A 27 7.21 1.35 -7.35
C ARG A 27 6.63 1.31 -8.76
N ILE A 28 5.98 0.21 -9.13
CA ILE A 28 5.36 0.15 -10.45
C ILE A 28 4.25 1.20 -10.53
N GLY A 29 3.48 1.33 -9.45
CA GLY A 29 2.42 2.32 -9.41
C GLY A 29 2.98 3.72 -9.53
N LEU A 30 4.05 3.99 -8.81
CA LEU A 30 4.72 5.28 -8.82
C LEU A 30 5.20 5.58 -10.25
N ALA A 31 5.82 4.58 -10.87
CA ALA A 31 6.35 4.73 -12.23
C ALA A 31 5.24 4.96 -13.25
N LEU A 32 4.13 4.24 -13.12
CA LEU A 32 3.03 4.38 -14.06
C LEU A 32 2.49 5.80 -14.04
N CYS A 33 2.24 6.31 -12.84
CA CYS A 33 1.72 7.67 -12.72
C CYS A 33 2.74 8.68 -13.25
N THR A 34 4.00 8.48 -12.90
CA THR A 34 5.06 9.38 -13.35
C THR A 34 5.12 9.40 -14.88
N LEU A 35 5.01 8.23 -15.49
CA LEU A 35 5.03 8.14 -16.95
C LEU A 35 3.89 8.94 -17.57
N TRP A 36 2.69 8.79 -17.01
CA TRP A 36 1.53 9.49 -17.55
C TRP A 36 1.65 11.00 -17.44
N ILE A 37 2.24 11.48 -16.35
CA ILE A 37 2.41 12.91 -16.17
C ILE A 37 3.50 13.45 -17.10
N LEU A 38 4.68 12.86 -17.03
CA LEU A 38 5.81 13.33 -17.83
C LEU A 38 5.82 12.97 -19.32
N ASP A 39 5.43 11.75 -19.66
CA ASP A 39 5.45 11.35 -21.06
C ASP A 39 4.15 11.66 -21.81
N LYS A 40 3.01 11.47 -21.17
CA LYS A 40 1.74 11.72 -21.82
C LYS A 40 1.12 13.08 -21.50
N GLU A 41 1.80 13.84 -20.66
CA GLU A 41 1.34 15.17 -20.27
C GLU A 41 -0.08 15.20 -19.70
N ILE A 42 -0.40 14.18 -18.91
CA ILE A 42 -1.70 14.11 -18.26
C ILE A 42 -1.42 14.48 -16.80
N GLU A 43 -1.77 15.71 -16.44
CA GLU A 43 -1.52 16.25 -15.11
C GLU A 43 -2.06 15.48 -13.91
N GLU A 44 -3.30 14.99 -14.01
CA GLU A 44 -3.90 14.25 -12.90
C GLU A 44 -4.33 12.88 -13.39
N PRO A 45 -3.38 11.95 -13.53
CA PRO A 45 -3.69 10.60 -14.01
C PRO A 45 -4.64 9.84 -13.09
N THR A 46 -5.49 9.02 -13.69
CA THR A 46 -6.44 8.22 -12.93
C THR A 46 -6.28 6.75 -13.28
N LEU A 47 -6.10 5.93 -12.26
CA LEU A 47 -5.95 4.49 -12.43
C LEU A 47 -7.23 3.81 -11.98
N SER A 48 -7.71 2.86 -12.78
CA SER A 48 -8.89 2.11 -12.42
C SER A 48 -8.48 0.67 -12.12
N ILE A 49 -8.81 0.19 -10.93
CA ILE A 49 -8.48 -1.19 -10.55
C ILE A 49 -9.78 -1.99 -10.49
N PRO A 50 -9.73 -3.28 -10.82
CA PRO A 50 -10.92 -4.15 -10.80
C PRO A 50 -11.52 -4.51 -9.45
N GLU A 51 -10.66 -4.62 -8.43
CA GLU A 51 -11.13 -4.99 -7.11
C GLU A 51 -10.07 -4.56 -6.11
N THR A 52 -10.40 -4.70 -4.83
CA THR A 52 -9.46 -4.32 -3.77
C THR A 52 -8.83 -5.53 -3.10
N ASN A 53 -7.54 -5.71 -3.34
CA ASN A 53 -6.79 -6.80 -2.72
C ASN A 53 -5.36 -6.31 -2.54
N PHE A 54 -4.52 -7.14 -1.94
CA PHE A 54 -3.13 -6.77 -1.68
C PHE A 54 -2.40 -6.24 -2.92
N VAL A 55 -2.48 -6.97 -4.02
CA VAL A 55 -1.80 -6.56 -5.24
C VAL A 55 -2.28 -5.24 -5.81
N THR A 56 -3.59 -5.08 -5.93
CA THR A 56 -4.13 -3.84 -6.49
C THR A 56 -3.93 -2.63 -5.59
N LEU A 57 -3.99 -2.84 -4.27
CA LEU A 57 -3.84 -1.73 -3.35
C LEU A 57 -2.37 -1.29 -3.23
N ALA A 58 -1.43 -2.23 -3.31
CA ALA A 58 -0.03 -1.85 -3.23
C ALA A 58 0.28 -0.97 -4.45
N LEU A 59 -0.26 -1.36 -5.60
CA LEU A 59 -0.08 -0.59 -6.82
C LEU A 59 -0.71 0.80 -6.66
N SER A 60 -1.90 0.83 -6.08
CA SER A 60 -2.64 2.07 -5.87
C SER A 60 -1.90 3.07 -4.99
N VAL A 61 -1.28 2.56 -3.93
CA VAL A 61 -0.55 3.42 -3.01
C VAL A 61 0.59 4.14 -3.75
N GLY A 62 1.27 3.40 -4.61
CA GLY A 62 2.35 3.99 -5.39
C GLY A 62 1.83 5.02 -6.38
N PHE A 63 0.73 4.68 -7.06
CA PHE A 63 0.12 5.59 -8.03
C PHE A 63 -0.26 6.91 -7.35
N MSE A 64 -0.85 6.83 -6.17
CA MSE A 64 -1.24 8.01 -5.39
C MSE A 64 -0.05 8.82 -4.92
O MSE A 64 -0.09 10.04 -4.85
CB MSE A 64 -2.05 7.62 -4.15
CG MSE A 64 -3.52 7.29 -4.40
SE MSE A 64 -4.48 6.99 -2.74
CE MSE A 64 -4.11 5.13 -2.61
N ASN A 65 1.03 8.11 -4.56
CA ASN A 65 2.21 8.78 -4.06
C ASN A 65 2.88 9.65 -5.12
N ALA A 66 2.60 9.37 -6.39
CA ALA A 66 3.17 10.15 -7.48
C ALA A 66 2.21 11.26 -7.90
N GLY A 67 1.08 11.35 -7.21
CA GLY A 67 0.10 12.38 -7.50
C GLY A 67 -1.17 11.94 -8.20
N GLY A 68 -1.24 10.68 -8.60
CA GLY A 68 -2.41 10.19 -9.29
C GLY A 68 -3.53 9.73 -8.39
N SER A 69 -4.73 9.60 -8.96
CA SER A 69 -5.88 9.13 -8.20
C SER A 69 -6.30 7.76 -8.69
N VAL A 70 -7.02 7.03 -7.84
CA VAL A 70 -7.44 5.68 -8.14
C VAL A 70 -8.89 5.44 -7.79
N ASN A 71 -9.56 4.62 -8.59
CA ASN A 71 -10.94 4.26 -8.33
C ASN A 71 -11.09 2.76 -8.62
N VAL A 72 -12.14 2.17 -8.06
CA VAL A 72 -12.43 0.77 -8.25
C VAL A 72 -13.58 0.60 -9.24
N GLY A 73 -13.30 -0.04 -10.38
CA GLY A 73 -14.34 -0.30 -11.37
C GLY A 73 -14.73 0.78 -12.36
N LYS A 74 -14.57 2.04 -11.99
CA LYS A 74 -14.94 3.13 -12.89
C LYS A 74 -13.94 3.27 -14.04
N GLY A 75 -13.88 4.44 -14.65
CA GLY A 75 -12.96 4.64 -15.76
C GLY A 75 -11.66 5.29 -15.35
N GLY A 76 -10.87 5.70 -16.32
CA GLY A 76 -9.60 6.34 -16.03
C GLY A 76 -8.68 6.40 -17.22
N ASP A 77 -7.47 6.90 -17.00
CA ASP A 77 -6.47 7.01 -18.06
C ASP A 77 -5.77 5.68 -18.25
N ILE A 78 -5.65 4.92 -17.15
CA ILE A 78 -5.00 3.61 -17.16
C ILE A 78 -5.90 2.63 -16.45
N LYS A 79 -6.02 1.42 -16.99
CA LYS A 79 -6.84 0.39 -16.39
C LYS A 79 -6.03 -0.88 -16.14
N LEU A 80 -6.23 -1.45 -14.95
CA LEU A 80 -5.53 -2.66 -14.58
C LEU A 80 -6.41 -3.87 -14.79
N PHE A 81 -5.85 -4.87 -15.46
CA PHE A 81 -6.52 -6.14 -15.70
C PHE A 81 -5.76 -7.14 -14.85
N LEU A 82 -6.48 -7.94 -14.08
CA LEU A 82 -5.83 -8.90 -13.22
C LEU A 82 -6.41 -10.31 -13.33
N GLN A 83 -5.54 -11.27 -13.55
CA GLN A 83 -5.94 -12.67 -13.63
C GLN A 83 -5.37 -13.31 -12.38
N LYS A 84 -6.22 -13.92 -11.56
CA LYS A 84 -5.76 -14.55 -10.33
C LYS A 84 -5.51 -16.04 -10.48
N GLY A 85 -4.91 -16.62 -9.43
CA GLY A 85 -4.59 -18.04 -9.44
C GLY A 85 -3.31 -18.21 -8.66
N GLU A 86 -2.62 -19.34 -8.85
CA GLU A 86 -1.36 -19.56 -8.14
C GLU A 86 -0.38 -18.47 -8.54
N ILE A 87 -0.43 -18.08 -9.81
CA ILE A 87 0.42 -17.03 -10.34
C ILE A 87 -0.47 -15.93 -10.88
N TYR A 88 -0.45 -14.76 -10.23
CA TYR A 88 -1.25 -13.63 -10.67
C TYR A 88 -0.62 -13.02 -11.90
N VAL A 89 -1.46 -12.54 -12.82
CA VAL A 89 -0.97 -11.90 -14.04
C VAL A 89 -1.61 -10.53 -14.17
N LEU A 90 -0.76 -9.51 -14.20
CA LEU A 90 -1.21 -8.12 -14.31
C LEU A 90 -0.97 -7.54 -15.70
N GLU A 91 -1.99 -6.85 -16.20
CA GLU A 91 -1.92 -6.21 -17.50
C GLU A 91 -2.45 -4.79 -17.35
N PHE A 92 -1.81 -3.86 -18.05
CA PHE A 92 -2.24 -2.47 -18.01
C PHE A 92 -2.68 -2.07 -19.39
N GLN A 93 -3.71 -1.23 -19.46
CA GLN A 93 -4.22 -0.74 -20.73
C GLN A 93 -4.42 0.76 -20.61
N PRO A 94 -4.09 1.52 -21.67
CA PRO A 94 -3.55 1.12 -22.98
C PRO A 94 -2.02 1.17 -23.07
N LEU A 95 -1.34 0.37 -22.24
CA LEU A 95 0.12 0.34 -22.19
C LEU A 95 0.78 -0.36 -23.39
N SER A 96 1.65 0.37 -24.11
CA SER A 96 2.35 -0.19 -25.26
C SER A 96 3.74 -0.67 -24.88
N GLU A 97 4.41 -1.40 -25.77
CA GLU A 97 5.75 -1.90 -25.49
C GLU A 97 6.71 -0.74 -25.29
N THR A 98 6.48 0.35 -26.02
CA THR A 98 7.33 1.52 -25.88
C THR A 98 7.15 2.09 -24.48
N ASP A 99 5.91 2.12 -24.01
CA ASP A 99 5.63 2.62 -22.66
C ASP A 99 6.35 1.76 -21.62
N ILE A 100 6.32 0.45 -21.82
CA ILE A 100 6.97 -0.47 -20.89
C ILE A 100 8.46 -0.21 -20.80
N LYS A 101 9.10 0.07 -21.94
CA LYS A 101 10.54 0.34 -21.94
C LYS A 101 10.82 1.58 -21.11
N LYS A 102 9.96 2.58 -21.22
CA LYS A 102 10.13 3.81 -20.46
C LYS A 102 9.94 3.54 -18.97
N LEU A 103 8.99 2.70 -18.63
CA LEU A 103 8.74 2.34 -17.24
C LEU A 103 9.98 1.68 -16.65
N GLU A 104 10.54 0.74 -17.40
CA GLU A 104 11.72 0.02 -16.96
C GLU A 104 12.92 0.96 -16.81
N SER A 105 13.02 1.96 -17.69
CA SER A 105 14.14 2.89 -17.62
C SER A 105 14.18 3.64 -16.29
N ILE A 106 13.03 3.97 -15.73
CA ILE A 106 13.02 4.68 -14.46
C ILE A 106 12.95 3.73 -13.27
N LEU A 107 12.35 2.55 -13.47
CA LEU A 107 12.28 1.56 -12.39
C LEU A 107 13.68 1.03 -12.09
N PHE A 108 14.49 0.89 -13.13
CA PHE A 108 15.85 0.39 -12.97
C PHE A 108 16.87 1.53 -13.11
N GLY A 109 16.39 2.76 -13.04
CA GLY A 109 17.26 3.92 -13.16
C GLY A 109 18.27 4.00 -12.04
N ARG A 110 19.23 4.91 -12.18
CA ARG A 110 20.26 5.11 -11.18
C ARG A 110 19.80 5.91 -9.98
N ALA A 111 18.72 6.67 -10.16
CA ALA A 111 18.18 7.49 -9.08
C ALA A 111 16.75 7.08 -8.72
N PRO A 112 16.32 7.35 -7.48
CA PRO A 112 14.96 6.98 -7.07
C PRO A 112 13.89 7.79 -7.79
N ILE A 113 12.70 7.22 -7.92
CA ILE A 113 11.59 7.91 -8.57
C ILE A 113 11.02 8.95 -7.60
N PRO A 114 10.92 10.21 -8.03
CA PRO A 114 10.40 11.26 -7.14
C PRO A 114 8.99 10.99 -6.61
N LYS A 115 8.76 11.37 -5.37
CA LYS A 115 7.46 11.19 -4.73
C LYS A 115 6.86 12.53 -4.30
N LYS A 116 5.53 12.59 -4.35
CA LYS A 116 4.79 13.77 -3.92
C LYS A 116 4.47 13.54 -2.45
N THR A 117 4.16 14.63 -1.74
CA THR A 117 3.83 14.53 -0.32
C THR A 117 2.66 15.43 0.01
N GLY A 118 2.12 15.24 1.21
CA GLY A 118 1.01 16.05 1.68
C GLY A 118 -0.17 16.10 0.75
N GLU A 119 -0.65 17.32 0.50
CA GLU A 119 -1.82 17.54 -0.35
C GLU A 119 -1.61 17.18 -1.81
N ASP A 120 -0.36 16.91 -2.21
CA ASP A 120 -0.11 16.56 -3.60
C ASP A 120 -0.32 15.08 -3.88
N ILE A 121 -0.49 14.30 -2.83
CA ILE A 121 -0.73 12.87 -2.99
C ILE A 121 -2.19 12.69 -3.43
N GLY A 122 -2.41 11.77 -4.37
CA GLY A 122 -3.73 11.53 -4.90
C GLY A 122 -4.69 10.80 -3.98
N SER A 123 -5.93 10.69 -4.43
CA SER A 123 -7.00 10.06 -3.67
C SER A 123 -7.39 8.68 -4.18
N PHE A 124 -8.25 8.03 -3.39
CA PHE A 124 -8.74 6.69 -3.68
C PHE A 124 -10.25 6.64 -3.49
N LYS A 125 -10.97 6.06 -4.45
CA LYS A 125 -12.42 5.96 -4.34
C LYS A 125 -12.87 4.51 -4.49
N CYS A 126 -13.55 3.99 -3.48
CA CYS A 126 -14.05 2.62 -3.52
C CYS A 126 -15.20 2.51 -4.51
N PRO B 2 7.70 5.87 23.97
CA PRO B 2 7.76 5.35 22.58
C PRO B 2 8.48 6.34 21.66
N ALA B 3 9.02 5.84 20.56
CA ALA B 3 9.76 6.67 19.61
C ALA B 3 8.88 7.43 18.62
N ILE B 4 7.95 6.74 17.98
CA ILE B 4 7.06 7.40 17.02
C ILE B 4 5.61 7.33 17.44
N PHE B 5 5.28 6.39 18.33
CA PHE B 5 3.93 6.25 18.85
C PHE B 5 3.90 7.04 20.16
N THR B 6 2.78 7.68 20.46
CA THR B 6 2.67 8.39 21.74
C THR B 6 2.14 7.36 22.72
N HIS B 7 2.06 7.71 24.00
CA HIS B 7 1.56 6.76 24.98
C HIS B 7 0.08 6.45 24.74
N GLU B 8 -0.55 7.28 23.91
CA GLU B 8 -1.97 7.10 23.57
C GLU B 8 -2.14 6.27 22.30
N GLY B 9 -1.04 5.75 21.77
CA GLY B 9 -1.12 4.94 20.56
C GLY B 9 -1.33 5.77 19.30
N LYS B 10 -0.87 7.02 19.34
CA LYS B 10 -1.02 7.91 18.20
C LYS B 10 0.29 8.10 17.45
N VAL B 11 0.19 8.33 16.15
CA VAL B 11 1.34 8.57 15.28
C VAL B 11 0.98 9.82 14.50
N GLU B 12 1.89 10.79 14.45
CA GLU B 12 1.63 12.04 13.74
C GLU B 12 2.62 12.32 12.64
N GLY B 13 2.15 12.93 11.56
CA GLY B 13 3.04 13.27 10.47
C GLY B 13 2.33 13.83 9.26
N VAL B 14 3.14 14.29 8.30
CA VAL B 14 2.61 14.81 7.05
C VAL B 14 2.58 13.62 6.09
N PRO B 15 1.42 13.32 5.49
CA PRO B 15 1.37 12.18 4.58
C PRO B 15 2.53 12.18 3.57
N GLY B 16 3.22 11.06 3.45
CA GLY B 16 4.33 11.00 2.52
C GLY B 16 5.69 11.24 3.12
N ASN B 17 5.72 11.82 4.31
CA ASN B 17 6.99 12.09 5.00
C ASN B 17 7.03 11.26 6.28
N TYR B 18 8.23 10.83 6.67
CA TYR B 18 8.39 10.03 7.88
C TYR B 18 7.65 10.70 9.03
N PRO B 19 6.95 9.92 9.86
CA PRO B 19 6.75 8.47 9.87
C PRO B 19 5.62 7.97 8.96
N LEU B 20 5.11 8.83 8.09
CA LEU B 20 4.02 8.45 7.20
C LEU B 20 4.40 8.23 5.74
N THR B 21 5.56 7.64 5.51
CA THR B 21 5.95 7.31 4.14
C THR B 21 5.24 6.00 3.85
N ALA B 22 5.14 5.64 2.57
CA ALA B 22 4.50 4.39 2.20
C ALA B 22 5.20 3.22 2.88
N GLU B 23 6.53 3.24 2.85
CA GLU B 23 7.31 2.16 3.46
C GLU B 23 7.12 2.07 4.97
N ASN B 24 7.12 3.21 5.65
CA ASN B 24 6.92 3.25 7.10
C ASN B 24 5.57 2.66 7.47
N LEU B 25 4.54 3.10 6.76
CA LEU B 25 3.18 2.64 7.03
C LEU B 25 3.02 1.15 6.73
N PHE B 26 3.67 0.70 5.66
CA PHE B 26 3.62 -0.71 5.32
C PHE B 26 4.20 -1.50 6.50
N ARG B 27 5.34 -1.06 7.03
CA ARG B 27 5.97 -1.77 8.14
C ARG B 27 5.13 -1.69 9.41
N ILE B 28 4.47 -0.56 9.64
CA ILE B 28 3.63 -0.43 10.83
C ILE B 28 2.48 -1.45 10.72
N GLY B 29 1.90 -1.56 9.53
CA GLY B 29 0.81 -2.51 9.33
C GLY B 29 1.29 -3.93 9.56
N LEU B 30 2.47 -4.26 9.02
CA LEU B 30 3.04 -5.59 9.18
C LEU B 30 3.27 -5.87 10.67
N ALA B 31 3.83 -4.89 11.37
CA ALA B 31 4.13 -5.05 12.79
C ALA B 31 2.88 -5.21 13.66
N LEU B 32 1.85 -4.42 13.36
CA LEU B 32 0.60 -4.49 14.12
C LEU B 32 -0.03 -5.86 13.99
N CYS B 33 -0.10 -6.36 12.76
CA CYS B 33 -0.68 -7.67 12.52
C CYS B 33 0.13 -8.75 13.23
N THR B 34 1.44 -8.64 13.13
CA THR B 34 2.34 -9.61 13.75
C THR B 34 2.17 -9.61 15.26
N LEU B 35 1.97 -8.44 15.87
CA LEU B 35 1.80 -8.36 17.30
C LEU B 35 0.54 -9.12 17.70
N TRP B 36 -0.54 -8.93 16.95
CA TRP B 36 -1.78 -9.62 17.29
C TRP B 36 -1.66 -11.13 17.11
N ILE B 37 -0.94 -11.57 16.08
CA ILE B 37 -0.77 -12.99 15.85
C ILE B 37 0.06 -13.63 16.96
N LEU B 38 1.24 -13.07 17.22
CA LEU B 38 2.13 -13.65 18.21
C LEU B 38 1.83 -13.37 19.68
N ASP B 39 1.31 -12.19 19.99
CA ASP B 39 1.05 -11.85 21.38
C ASP B 39 -0.40 -12.00 21.85
N LYS B 40 -1.35 -11.97 20.92
CA LYS B 40 -2.76 -12.10 21.29
C LYS B 40 -3.40 -13.38 20.78
N GLU B 41 -2.62 -14.18 20.07
CA GLU B 41 -3.10 -15.44 19.51
C GLU B 41 -4.30 -15.32 18.58
N ILE B 42 -4.37 -14.23 17.83
CA ILE B 42 -5.44 -14.06 16.86
C ILE B 42 -4.73 -14.33 15.55
N GLU B 43 -4.93 -15.52 15.00
CA GLU B 43 -4.25 -15.93 13.78
C GLU B 43 -4.58 -15.12 12.53
N GLU B 44 -5.81 -14.62 12.46
CA GLU B 44 -6.26 -13.81 11.32
C GLU B 44 -6.85 -12.52 11.88
N PRO B 45 -5.99 -11.60 12.34
CA PRO B 45 -6.45 -10.32 12.91
C PRO B 45 -7.19 -9.46 11.90
N THR B 46 -8.05 -8.58 12.42
CA THR B 46 -8.80 -7.67 11.57
C THR B 46 -8.56 -6.24 11.99
N LEU B 47 -8.40 -5.36 11.00
CA LEU B 47 -8.19 -3.95 11.23
C LEU B 47 -9.32 -3.17 10.58
N SER B 48 -9.89 -2.22 11.32
CA SER B 48 -10.94 -1.38 10.81
C SER B 48 -10.37 0.01 10.57
N ILE B 49 -10.48 0.51 9.33
CA ILE B 49 -9.99 1.84 9.00
C ILE B 49 -11.23 2.71 8.77
N PRO B 50 -11.13 4.01 9.02
CA PRO B 50 -12.26 4.93 8.84
C PRO B 50 -12.58 5.41 7.42
N GLU B 51 -11.58 5.39 6.55
CA GLU B 51 -11.77 5.84 5.18
C GLU B 51 -10.60 5.32 4.35
N THR B 52 -10.66 5.54 3.04
CA THR B 52 -9.60 5.06 2.17
C THR B 52 -8.80 6.19 1.57
N ASN B 53 -7.54 6.30 1.99
CA ASN B 53 -6.64 7.30 1.45
C ASN B 53 -5.22 6.71 1.47
N PHE B 54 -4.26 7.48 0.99
CA PHE B 54 -2.87 7.01 0.94
C PHE B 54 -2.39 6.42 2.26
N VAL B 55 -2.62 7.14 3.35
CA VAL B 55 -2.17 6.68 4.65
C VAL B 55 -2.84 5.41 5.13
N THR B 56 -4.16 5.34 5.06
CA THR B 56 -4.84 4.14 5.53
C THR B 56 -4.60 2.94 4.64
N LEU B 57 -4.43 3.16 3.34
CA LEU B 57 -4.19 2.04 2.44
C LEU B 57 -2.76 1.51 2.54
N ALA B 58 -1.78 2.37 2.76
CA ALA B 58 -0.41 1.90 2.91
C ALA B 58 -0.37 1.00 4.14
N LEU B 59 -1.03 1.43 5.21
CA LEU B 59 -1.10 0.65 6.44
C LEU B 59 -1.78 -0.69 6.16
N SER B 60 -2.89 -0.63 5.41
CA SER B 60 -3.65 -1.82 5.09
C SER B 60 -2.84 -2.86 4.33
N VAL B 61 -2.04 -2.40 3.37
CA VAL B 61 -1.22 -3.30 2.59
C VAL B 61 -0.29 -4.10 3.48
N GLY B 62 0.35 -3.43 4.44
CA GLY B 62 1.25 -4.11 5.35
C GLY B 62 0.50 -5.08 6.24
N PHE B 63 -0.63 -4.63 6.78
CA PHE B 63 -1.45 -5.47 7.64
C PHE B 63 -1.86 -6.77 6.92
N MSE B 64 -2.31 -6.63 5.67
CA MSE B 64 -2.73 -7.76 4.83
C MSE B 64 -1.57 -8.70 4.50
O MSE B 64 -1.73 -9.92 4.46
CB MSE B 64 -3.31 -7.25 3.48
CG MSE B 64 -4.86 -7.26 3.35
SE MSE B 64 -5.48 -6.61 1.63
CE MSE B 64 -4.94 -4.88 1.99
N ASN B 65 -0.39 -8.13 4.28
CA ASN B 65 0.79 -8.92 3.93
C ASN B 65 1.20 -9.88 5.04
N ALA B 66 0.87 -9.53 6.28
CA ALA B 66 1.19 -10.37 7.43
C ALA B 66 0.08 -11.36 7.75
N GLY B 67 -1.01 -11.30 6.99
CA GLY B 67 -2.11 -12.23 7.20
C GLY B 67 -3.39 -11.65 7.78
N GLY B 68 -3.42 -10.35 8.02
CA GLY B 68 -4.61 -9.73 8.57
C GLY B 68 -5.55 -9.19 7.51
N SER B 69 -6.83 -9.09 7.85
CA SER B 69 -7.81 -8.57 6.90
C SER B 69 -8.25 -7.19 7.34
N VAL B 70 -8.65 -6.38 6.36
CA VAL B 70 -9.04 -5.00 6.63
C VAL B 70 -10.44 -4.66 6.10
N ASN B 71 -11.16 -3.83 6.84
CA ASN B 71 -12.49 -3.41 6.44
C ASN B 71 -12.61 -1.91 6.72
N VAL B 72 -13.56 -1.27 6.06
CA VAL B 72 -13.78 0.15 6.27
C VAL B 72 -14.96 0.40 7.20
N GLY B 73 -14.66 0.89 8.40
CA GLY B 73 -15.68 1.22 9.39
C GLY B 73 -16.51 0.13 10.03
N LYS B 74 -16.13 -1.14 9.88
CA LYS B 74 -16.92 -2.23 10.45
C LYS B 74 -16.27 -2.98 11.60
N GLY B 75 -15.75 -2.28 12.60
CA GLY B 75 -15.14 -2.96 13.73
C GLY B 75 -14.03 -3.94 13.35
N GLY B 76 -13.42 -4.51 14.37
CA GLY B 76 -12.32 -5.43 14.17
C GLY B 76 -11.49 -5.50 15.43
N ASP B 77 -10.46 -6.33 15.43
CA ASP B 77 -9.60 -6.48 16.60
C ASP B 77 -8.85 -5.18 16.91
N ILE B 78 -8.52 -4.44 15.86
CA ILE B 78 -7.82 -3.18 15.99
C ILE B 78 -8.59 -2.13 15.21
N LYS B 79 -8.73 -0.94 15.79
CA LYS B 79 -9.44 0.12 15.11
C LYS B 79 -8.54 1.33 14.95
N LEU B 80 -8.59 1.92 13.77
CA LEU B 80 -7.80 3.10 13.47
C LEU B 80 -8.72 4.30 13.40
N PHE B 81 -8.32 5.38 14.06
CA PHE B 81 -9.06 6.63 14.03
C PHE B 81 -8.12 7.61 13.35
N LEU B 82 -8.65 8.48 12.51
CA LEU B 82 -7.81 9.41 11.78
C LEU B 82 -8.30 10.84 11.83
N GLN B 83 -7.40 11.74 12.21
CA GLN B 83 -7.71 13.15 12.24
C GLN B 83 -6.83 13.72 11.13
N LYS B 84 -7.45 14.29 10.12
CA LYS B 84 -6.71 14.84 8.99
C LYS B 84 -6.36 16.31 9.13
N GLY B 85 -5.71 16.85 8.10
CA GLY B 85 -5.28 18.23 8.10
C GLY B 85 -3.88 18.26 7.53
N GLU B 86 -3.16 19.36 7.72
CA GLU B 86 -1.79 19.48 7.22
C GLU B 86 -0.98 18.36 7.83
N ILE B 87 -1.21 18.14 9.13
CA ILE B 87 -0.54 17.08 9.87
C ILE B 87 -1.60 16.08 10.28
N TYR B 88 -1.43 14.84 9.84
CA TYR B 88 -2.35 13.76 10.18
C TYR B 88 -1.99 13.17 11.53
N VAL B 89 -3.00 12.68 12.24
CA VAL B 89 -2.78 12.02 13.51
C VAL B 89 -3.55 10.71 13.45
N LEU B 90 -2.82 9.60 13.52
CA LEU B 90 -3.41 8.27 13.49
C LEU B 90 -3.54 7.82 14.92
N GLU B 91 -4.63 7.13 15.23
CA GLU B 91 -4.85 6.63 16.57
C GLU B 91 -5.27 5.17 16.48
N PHE B 92 -4.49 4.30 17.12
CA PHE B 92 -4.75 2.87 17.11
C PHE B 92 -5.27 2.39 18.47
N GLN B 93 -6.37 1.65 18.46
CA GLN B 93 -6.94 1.10 19.68
C GLN B 93 -7.27 -0.37 19.46
N PRO B 94 -7.11 -1.21 20.50
CA PRO B 94 -6.65 -0.91 21.86
C PRO B 94 -5.16 -1.20 22.00
N LEU B 95 -4.43 -0.28 22.62
CA LEU B 95 -2.99 -0.46 22.82
C LEU B 95 -2.53 0.01 24.19
N SER B 96 -1.95 -0.90 24.96
CA SER B 96 -1.43 -0.56 26.27
C SER B 96 -0.02 -0.04 26.01
N GLU B 97 0.60 0.57 27.01
CA GLU B 97 1.95 1.07 26.82
C GLU B 97 2.91 -0.09 26.54
N THR B 98 2.60 -1.27 27.09
CA THR B 98 3.44 -2.42 26.85
C THR B 98 3.24 -2.91 25.40
N ASP B 99 2.00 -2.83 24.92
CA ASP B 99 1.72 -3.23 23.54
C ASP B 99 2.53 -2.35 22.59
N ILE B 100 2.58 -1.06 22.89
CA ILE B 100 3.31 -0.11 22.05
C ILE B 100 4.80 -0.42 22.07
N LYS B 101 5.34 -0.75 23.23
CA LYS B 101 6.75 -1.07 23.34
C LYS B 101 7.04 -2.32 22.51
N LYS B 102 6.16 -3.31 22.60
CA LYS B 102 6.32 -4.55 21.84
C LYS B 102 6.20 -4.27 20.34
N LEU B 103 5.28 -3.38 19.98
CA LEU B 103 5.07 -3.01 18.59
C LEU B 103 6.32 -2.34 18.02
N GLU B 104 6.85 -1.36 18.74
CA GLU B 104 8.04 -0.67 18.26
C GLU B 104 9.27 -1.57 18.23
N SER B 105 9.33 -2.54 19.14
CA SER B 105 10.47 -3.45 19.18
C SER B 105 10.52 -4.23 17.86
N ILE B 106 9.35 -4.61 17.37
CA ILE B 106 9.22 -5.35 16.12
C ILE B 106 9.53 -4.40 14.95
N LEU B 107 8.94 -3.21 15.01
CA LEU B 107 9.11 -2.20 13.98
C LEU B 107 10.56 -1.76 13.75
N PHE B 108 11.28 -1.53 14.84
CA PHE B 108 12.67 -1.08 14.76
C PHE B 108 13.71 -2.20 14.87
N GLY B 109 13.24 -3.43 15.06
CA GLY B 109 14.16 -4.54 15.19
C GLY B 109 14.80 -4.95 13.88
N ARG B 110 15.94 -5.63 13.96
CA ARG B 110 16.67 -6.08 12.79
C ARG B 110 16.09 -7.39 12.27
N ALA B 111 15.48 -8.15 13.18
CA ALA B 111 14.88 -9.43 12.84
C ALA B 111 13.84 -9.27 11.72
N ILE B 113 10.61 -8.90 9.36
CA ILE B 113 9.29 -9.32 9.81
C ILE B 113 8.69 -10.32 8.83
N PRO B 114 8.28 -11.49 9.33
CA PRO B 114 7.68 -12.55 8.50
C PRO B 114 6.47 -12.06 7.71
N LYS B 115 6.34 -12.56 6.49
CA LYS B 115 5.21 -12.18 5.62
C LYS B 115 4.54 -13.41 5.04
N LYS B 116 3.26 -13.26 4.69
CA LYS B 116 2.51 -14.35 4.09
C LYS B 116 2.53 -14.12 2.58
N THR B 117 2.19 -15.15 1.82
CA THR B 117 2.17 -15.05 0.37
C THR B 117 0.92 -15.69 -0.20
N GLY B 118 0.65 -15.42 -1.47
CA GLY B 118 -0.52 -15.99 -2.12
C GLY B 118 -1.82 -15.78 -1.37
N GLU B 119 -2.59 -16.85 -1.26
CA GLU B 119 -3.89 -16.82 -0.60
C GLU B 119 -3.82 -16.62 0.91
N ASP B 120 -2.62 -16.67 1.47
CA ASP B 120 -2.47 -16.47 2.91
C ASP B 120 -2.48 -14.99 3.28
N ILE B 121 -2.36 -14.14 2.26
CA ILE B 121 -2.38 -12.69 2.46
C ILE B 121 -3.83 -12.31 2.76
N GLY B 122 -4.01 -11.37 3.68
CA GLY B 122 -5.35 -10.94 4.06
C GLY B 122 -6.15 -10.21 3.01
N SER B 123 -7.46 -10.08 3.24
CA SER B 123 -8.35 -9.40 2.30
C SER B 123 -8.68 -7.96 2.71
N PHE B 124 -9.32 -7.25 1.78
CA PHE B 124 -9.73 -5.88 2.01
C PHE B 124 -11.18 -5.72 1.54
N LYS B 125 -12.00 -5.12 2.38
CA LYS B 125 -13.39 -4.90 2.02
C LYS B 125 -13.78 -3.43 2.21
N CYS B 126 -14.26 -2.81 1.13
CA CYS B 126 -14.68 -1.43 1.15
C CYS B 126 -15.95 -1.29 1.99
#